data_5YLY
#
_entry.id   5YLY
#
_cell.length_a   50.050
_cell.length_b   96.220
_cell.length_c   68.190
_cell.angle_alpha   90.00
_cell.angle_beta   96.72
_cell.angle_gamma   90.00
#
_symmetry.space_group_name_H-M   'P 1 21 1'
#
loop_
_entity.id
_entity.type
_entity.pdbx_description
1 polymer 'Nitrate reductase'
2 non-polymer 'FLAVIN-ADENINE DINUCLEOTIDE'
3 water water
#
_entity_poly.entity_id   1
_entity_poly.type   'polypeptide(L)'
_entity_poly.pdbx_seq_one_letter_code
;GAMDAAVVVMPGTAAAPLPAIDVDAPFLNPKKQKAAELKEKIKISHDVTLFRFGLEHDEQLLGLPTGKHMLIRKKVTNAE
GDEEVVMRAYTPTTANETRGHFDLVVKIYKANVHPKFPEGGKFSQILEALEVGDTVEVKGPIGHFHYDRPGHYKNHKLES
EVKRINMIAGGTGLTPMYQVMKAILSNPSDLTEIRLLYANQTEADILLRPELEALAKSHPDRVKIHYTVDRPTPGWKYSS
GFIDLDMCERALFRYEPGTISVLCGPPPMLKFACHPNLEKMGFEKGVTSIEF
;
_entity_poly.pdbx_strand_id   A,B
#
loop_
_chem_comp.id
_chem_comp.type
_chem_comp.name
_chem_comp.formula
FAD non-polymer 'FLAVIN-ADENINE DINUCLEOTIDE' 'C27 H33 N9 O15 P2'
#
# COMPACT_ATOMS: atom_id res chain seq x y z
N ALA A 25 -4.81 -20.02 -21.64
CA ALA A 25 -5.47 -20.92 -20.71
C ALA A 25 -5.64 -20.22 -19.34
N PRO A 26 -6.87 -20.13 -18.80
CA PRO A 26 -7.05 -19.41 -17.52
C PRO A 26 -6.63 -20.23 -16.31
N PHE A 27 -6.36 -19.55 -15.20
CA PHE A 27 -6.03 -20.19 -13.94
C PHE A 27 -7.24 -20.94 -13.38
N LEU A 28 -8.40 -20.28 -13.28
CA LEU A 28 -9.61 -20.92 -12.72
C LEU A 28 -10.14 -22.07 -13.57
N ASN A 29 -10.37 -23.20 -12.89
CA ASN A 29 -10.90 -24.42 -13.50
C ASN A 29 -11.95 -24.94 -12.52
N PRO A 30 -13.25 -24.89 -12.90
CA PRO A 30 -14.31 -25.24 -11.95
C PRO A 30 -14.29 -26.70 -11.48
N LYS A 31 -13.48 -27.56 -12.12
CA LYS A 31 -13.38 -28.99 -11.78
C LYS A 31 -12.18 -29.24 -10.88
N LYS A 32 -11.32 -28.20 -10.65
CA LYS A 32 -10.08 -28.41 -9.92
C LYS A 32 -9.81 -27.43 -8.80
N GLN A 33 -9.09 -27.93 -7.78
CA GLN A 33 -8.57 -27.12 -6.67
C GLN A 33 -7.20 -26.72 -7.18
N LYS A 34 -6.97 -25.42 -7.35
CA LYS A 34 -5.68 -24.97 -7.88
C LYS A 34 -4.92 -24.18 -6.86
N ALA A 35 -3.68 -24.57 -6.62
CA ALA A 35 -2.84 -23.92 -5.61
C ALA A 35 -2.47 -22.47 -6.03
N ALA A 36 -2.48 -21.54 -5.09
CA ALA A 36 -2.09 -20.16 -5.34
C ALA A 36 -1.18 -19.76 -4.18
N GLU A 37 -0.02 -19.19 -4.49
CA GLU A 37 0.95 -18.82 -3.48
C GLU A 37 0.82 -17.38 -3.06
N LEU A 38 0.89 -17.12 -1.76
CA LEU A 38 0.81 -15.76 -1.26
C LEU A 38 2.09 -15.00 -1.62
N LYS A 39 1.94 -13.89 -2.36
CA LYS A 39 3.06 -13.04 -2.82
C LYS A 39 3.26 -11.80 -1.95
N GLU A 40 2.17 -11.21 -1.41
CA GLU A 40 2.25 -10.04 -0.54
C GLU A 40 1.09 -10.06 0.40
N LYS A 41 1.25 -9.52 1.61
CA LYS A 41 0.16 -9.44 2.60
C LYS A 41 0.26 -8.02 3.12
N ILE A 42 -0.68 -7.15 2.69
CA ILE A 42 -0.59 -5.72 2.98
C ILE A 42 -1.77 -5.19 3.80
N LYS A 43 -1.51 -4.60 4.94
CA LYS A 43 -2.58 -4.07 5.79
C LYS A 43 -3.26 -2.88 5.12
N ILE A 44 -4.60 -2.90 5.10
CA ILE A 44 -5.36 -1.74 4.61
C ILE A 44 -5.71 -0.92 5.85
N SER A 45 -6.15 -1.61 6.87
CA SER A 45 -6.44 -1.00 8.16
C SER A 45 -6.19 -2.04 9.24
N HIS A 46 -6.43 -1.70 10.53
CA HIS A 46 -6.13 -2.61 11.63
C HIS A 46 -6.77 -4.00 11.48
N ASP A 47 -7.96 -4.09 10.85
CA ASP A 47 -8.62 -5.39 10.69
C ASP A 47 -9.02 -5.73 9.25
N VAL A 48 -8.40 -5.05 8.25
CA VAL A 48 -8.63 -5.34 6.83
C VAL A 48 -7.26 -5.56 6.22
N THR A 49 -7.07 -6.72 5.57
CA THR A 49 -5.81 -7.05 4.91
C THR A 49 -6.03 -7.38 3.46
N LEU A 50 -5.07 -6.94 2.61
CA LEU A 50 -5.08 -7.31 1.19
C LEU A 50 -4.09 -8.47 1.03
N PHE A 51 -4.55 -9.56 0.44
CA PHE A 51 -3.71 -10.73 0.19
C PHE A 51 -3.50 -10.81 -1.31
N ARG A 52 -2.24 -10.79 -1.75
CA ARG A 52 -1.96 -10.84 -3.17
C ARG A 52 -1.45 -12.22 -3.48
N PHE A 53 -2.24 -13.00 -4.23
CA PHE A 53 -1.91 -14.39 -4.55
C PHE A 53 -1.45 -14.51 -5.97
N GLY A 54 -0.36 -15.23 -6.17
CA GLY A 54 0.15 -15.45 -7.52
C GLY A 54 -0.58 -16.56 -8.22
N LEU A 55 -0.69 -16.46 -9.56
CA LEU A 55 -1.26 -17.51 -10.39
C LEU A 55 -0.13 -18.49 -10.75
N GLU A 56 -0.32 -19.39 -11.74
CA GLU A 56 0.70 -20.39 -12.08
C GLU A 56 1.94 -19.72 -12.69
N HIS A 57 1.73 -18.57 -13.36
CA HIS A 57 2.79 -17.78 -13.98
C HIS A 57 2.35 -16.32 -14.03
N ASP A 58 3.30 -15.40 -14.08
CA ASP A 58 2.96 -13.98 -13.93
C ASP A 58 2.23 -13.33 -15.15
N GLU A 59 1.94 -14.09 -16.21
CA GLU A 59 1.18 -13.53 -17.35
C GLU A 59 -0.19 -14.23 -17.49
N GLN A 60 -0.55 -15.08 -16.53
CA GLN A 60 -1.74 -15.89 -16.62
C GLN A 60 -3.02 -15.13 -16.39
N LEU A 61 -4.01 -15.44 -17.22
CA LEU A 61 -5.36 -14.88 -17.12
C LEU A 61 -6.04 -15.55 -15.92
N LEU A 62 -6.73 -14.77 -15.09
CA LEU A 62 -7.45 -15.36 -13.95
C LEU A 62 -8.58 -16.27 -14.42
N GLY A 63 -9.41 -15.77 -15.34
CA GLY A 63 -10.54 -16.51 -15.88
C GLY A 63 -11.75 -16.47 -14.99
N LEU A 64 -12.03 -15.28 -14.43
CA LEU A 64 -13.17 -15.06 -13.54
C LEU A 64 -14.14 -14.12 -14.26
N PRO A 65 -15.26 -14.64 -14.79
CA PRO A 65 -16.24 -13.75 -15.44
C PRO A 65 -16.89 -12.80 -14.45
N THR A 66 -17.28 -11.61 -14.93
CA THR A 66 -17.91 -10.58 -14.11
C THR A 66 -19.23 -11.13 -13.58
N GLY A 67 -19.43 -11.06 -12.26
CA GLY A 67 -20.62 -11.60 -11.61
C GLY A 67 -20.35 -12.90 -10.87
N LYS A 68 -19.18 -13.50 -11.11
CA LYS A 68 -18.76 -14.74 -10.48
C LYS A 68 -17.66 -14.54 -9.40
N HIS A 69 -17.50 -15.56 -8.54
CA HIS A 69 -16.53 -15.52 -7.44
C HIS A 69 -15.74 -16.85 -7.39
N MET A 70 -14.93 -17.03 -6.34
CA MET A 70 -14.11 -18.24 -6.18
CA MET A 70 -14.16 -18.27 -6.19
C MET A 70 -14.25 -18.81 -4.78
N LEU A 71 -13.92 -20.07 -4.62
CA LEU A 71 -13.93 -20.68 -3.29
C LEU A 71 -12.47 -20.84 -2.94
N ILE A 72 -12.09 -20.37 -1.77
CA ILE A 72 -10.71 -20.47 -1.34
C ILE A 72 -10.67 -21.38 -0.13
N ARG A 73 -9.70 -22.29 -0.11
CA ARG A 73 -9.63 -23.24 1.01
C ARG A 73 -8.21 -23.52 1.44
N LYS A 74 -8.09 -24.06 2.68
CA LYS A 74 -6.81 -24.50 3.21
C LYS A 74 -7.03 -25.58 4.24
N LYS A 75 -6.13 -26.57 4.20
CA LYS A 75 -6.09 -27.67 5.18
C LYS A 75 -5.21 -27.17 6.33
N VAL A 76 -5.77 -27.08 7.54
CA VAL A 76 -5.06 -26.61 8.74
C VAL A 76 -5.19 -27.64 9.87
N THR A 77 -4.47 -27.41 10.98
CA THR A 77 -4.58 -28.25 12.18
C THR A 77 -5.51 -27.52 13.16
N GLU A 84 -8.14 -30.26 9.24
CA GLU A 84 -9.45 -29.72 8.93
C GLU A 84 -9.32 -28.87 7.68
N VAL A 85 -10.22 -29.07 6.72
CA VAL A 85 -10.24 -28.26 5.48
C VAL A 85 -11.29 -27.18 5.73
N VAL A 86 -10.90 -25.88 5.56
CA VAL A 86 -11.78 -24.74 5.79
C VAL A 86 -11.86 -24.00 4.46
N MET A 87 -13.08 -23.67 4.02
CA MET A 87 -13.34 -23.05 2.72
CA MET A 87 -13.27 -22.96 2.76
C MET A 87 -14.34 -21.90 2.87
N ARG A 88 -14.12 -20.79 2.12
CA ARG A 88 -15.04 -19.64 2.09
C ARG A 88 -15.03 -19.04 0.70
N ALA A 89 -16.13 -18.38 0.33
CA ALA A 89 -16.26 -17.67 -0.95
C ALA A 89 -15.59 -16.29 -0.87
N TYR A 90 -14.92 -15.85 -1.95
CA TYR A 90 -14.32 -14.51 -2.04
C TYR A 90 -14.45 -14.00 -3.45
N THR A 91 -14.72 -12.71 -3.56
CA THR A 91 -14.68 -12.02 -4.85
C THR A 91 -13.44 -11.16 -4.78
N PRO A 92 -12.41 -11.48 -5.58
CA PRO A 92 -11.19 -10.63 -5.53
C PRO A 92 -11.48 -9.21 -5.97
N THR A 93 -10.61 -8.26 -5.55
CA THR A 93 -10.76 -6.88 -5.97
C THR A 93 -10.05 -6.62 -7.30
N THR A 94 -9.50 -7.69 -7.90
CA THR A 94 -8.93 -7.66 -9.24
C THR A 94 -9.74 -8.71 -10.01
N ALA A 95 -9.70 -8.66 -11.34
CA ALA A 95 -10.39 -9.68 -12.13
C ALA A 95 -9.53 -9.98 -13.39
N ASN A 96 -10.15 -10.25 -14.56
CA ASN A 96 -9.39 -10.63 -15.75
C ASN A 96 -8.42 -9.58 -16.27
N GLU A 97 -8.66 -8.30 -15.97
CA GLU A 97 -7.78 -7.20 -16.40
C GLU A 97 -6.36 -7.30 -15.77
N THR A 98 -6.23 -8.02 -14.66
CA THR A 98 -4.96 -8.15 -13.93
C THR A 98 -4.42 -9.57 -14.14
N ARG A 99 -3.32 -9.68 -14.87
CA ARG A 99 -2.69 -10.96 -15.12
C ARG A 99 -1.65 -11.31 -14.06
N GLY A 100 -1.47 -12.61 -13.84
CA GLY A 100 -0.44 -13.15 -12.98
C GLY A 100 -0.70 -13.17 -11.49
N HIS A 101 -1.80 -12.49 -11.03
CA HIS A 101 -2.13 -12.52 -9.61
C HIS A 101 -3.56 -12.07 -9.44
N PHE A 102 -4.11 -12.26 -8.25
CA PHE A 102 -5.38 -11.69 -7.83
C PHE A 102 -5.19 -11.15 -6.43
N ASP A 103 -6.00 -10.15 -6.10
CA ASP A 103 -5.95 -9.52 -4.78
C ASP A 103 -7.24 -9.81 -4.07
N LEU A 104 -7.17 -10.17 -2.78
CA LEU A 104 -8.36 -10.37 -1.97
C LEU A 104 -8.31 -9.30 -0.91
N VAL A 105 -9.43 -8.61 -0.68
CA VAL A 105 -9.52 -7.67 0.44
C VAL A 105 -10.40 -8.38 1.45
N VAL A 106 -9.84 -8.68 2.64
CA VAL A 106 -10.51 -9.51 3.63
C VAL A 106 -10.66 -8.80 4.97
N LYS A 107 -11.89 -8.79 5.48
CA LYS A 107 -12.15 -8.30 6.84
C LYS A 107 -11.73 -9.43 7.81
N ILE A 108 -10.80 -9.15 8.73
CA ILE A 108 -10.32 -10.15 9.69
C ILE A 108 -11.18 -10.11 10.94
N TYR A 109 -11.88 -11.21 11.23
CA TYR A 109 -12.74 -11.32 12.41
C TYR A 109 -11.91 -11.94 13.48
N LYS A 110 -11.28 -11.08 14.27
CA LYS A 110 -10.35 -11.47 15.30
C LYS A 110 -11.03 -12.01 16.54
N ALA A 111 -10.35 -12.92 17.22
CA ALA A 111 -10.81 -13.53 18.46
C ALA A 111 -10.66 -12.53 19.60
N ASN A 112 -11.54 -12.65 20.62
CA ASN A 112 -11.57 -11.86 21.86
C ASN A 112 -11.71 -10.34 21.61
N VAL A 113 -12.54 -9.97 20.63
CA VAL A 113 -12.82 -8.56 20.30
C VAL A 113 -14.32 -8.34 20.54
N HIS A 114 -15.15 -9.14 19.85
CA HIS A 114 -16.61 -9.14 19.92
C HIS A 114 -17.08 -10.09 21.02
N PRO A 115 -17.94 -9.65 21.98
CA PRO A 115 -18.40 -10.56 23.04
C PRO A 115 -19.30 -11.71 22.54
N LYS A 116 -20.11 -11.47 21.50
CA LYS A 116 -21.00 -12.46 20.86
C LYS A 116 -20.20 -13.51 20.07
N PHE A 117 -19.00 -13.14 19.59
CA PHE A 117 -18.13 -14.03 18.82
C PHE A 117 -16.71 -14.05 19.41
N PRO A 118 -16.49 -14.63 20.63
CA PRO A 118 -15.13 -14.61 21.20
C PRO A 118 -14.07 -15.39 20.41
N GLU A 119 -14.49 -16.41 19.64
CA GLU A 119 -13.57 -17.22 18.84
C GLU A 119 -13.17 -16.56 17.51
N GLY A 120 -13.90 -15.51 17.12
CA GLY A 120 -13.66 -14.79 15.87
C GLY A 120 -14.10 -15.60 14.66
N GLY A 121 -13.63 -15.20 13.49
CA GLY A 121 -13.93 -15.87 12.23
C GLY A 121 -12.85 -16.87 11.90
N LYS A 122 -13.25 -18.12 11.60
CA LYS A 122 -12.31 -19.21 11.33
C LYS A 122 -11.33 -18.95 10.15
N PHE A 123 -11.85 -18.77 8.93
CA PHE A 123 -11.02 -18.63 7.75
C PHE A 123 -10.33 -17.27 7.61
N SER A 124 -10.99 -16.15 8.03
CA SER A 124 -10.29 -14.85 7.96
C SER A 124 -9.04 -14.83 8.87
N GLN A 125 -9.07 -15.54 10.04
CA GLN A 125 -7.89 -15.62 10.91
C GLN A 125 -6.86 -16.58 10.28
N ILE A 126 -7.33 -17.66 9.59
CA ILE A 126 -6.40 -18.56 8.89
C ILE A 126 -5.62 -17.75 7.85
N LEU A 127 -6.33 -16.95 7.03
CA LEU A 127 -5.71 -16.10 6.03
C LEU A 127 -4.74 -15.11 6.67
N GLU A 128 -5.19 -14.40 7.73
CA GLU A 128 -4.34 -13.42 8.43
C GLU A 128 -3.05 -14.08 8.99
N ALA A 129 -3.12 -15.37 9.37
CA ALA A 129 -1.96 -16.05 9.92
C ALA A 129 -0.98 -16.51 8.83
N LEU A 130 -1.39 -16.43 7.53
CA LEU A 130 -0.49 -16.86 6.45
C LEU A 130 0.73 -15.99 6.32
N GLU A 131 1.85 -16.61 5.94
CA GLU A 131 3.09 -15.87 5.68
C GLU A 131 3.29 -15.91 4.16
N VAL A 132 3.97 -14.90 3.60
CA VAL A 132 4.28 -14.89 2.17
C VAL A 132 5.02 -16.20 1.86
N GLY A 133 4.60 -16.86 0.80
CA GLY A 133 5.16 -18.15 0.40
C GLY A 133 4.23 -19.31 0.73
N ASP A 134 3.25 -19.09 1.64
CA ASP A 134 2.25 -20.12 1.99
C ASP A 134 1.24 -20.20 0.85
N THR A 135 0.51 -21.31 0.76
CA THR A 135 -0.45 -21.47 -0.33
C THR A 135 -1.87 -21.72 0.16
N VAL A 136 -2.84 -21.49 -0.74
CA VAL A 136 -4.25 -21.80 -0.54
C VAL A 136 -4.69 -22.54 -1.80
N GLU A 137 -5.87 -23.16 -1.76
CA GLU A 137 -6.41 -23.81 -2.95
C GLU A 137 -7.57 -23.02 -3.41
N VAL A 138 -7.69 -22.86 -4.74
CA VAL A 138 -8.73 -22.02 -5.34
C VAL A 138 -9.59 -22.80 -6.31
N LYS A 139 -10.92 -22.73 -6.14
CA LYS A 139 -11.86 -23.38 -7.06
C LYS A 139 -12.85 -22.35 -7.60
N GLY A 140 -12.99 -22.33 -8.91
CA GLY A 140 -13.92 -21.40 -9.54
C GLY A 140 -13.86 -21.49 -11.05
N PRO A 141 -14.64 -20.67 -11.77
CA PRO A 141 -15.60 -19.68 -11.26
C PRO A 141 -16.86 -20.28 -10.69
N ILE A 142 -17.45 -19.57 -9.73
CA ILE A 142 -18.69 -19.97 -9.08
C ILE A 142 -19.71 -18.89 -9.33
N GLY A 143 -20.94 -19.30 -9.63
CA GLY A 143 -22.00 -18.32 -9.74
C GLY A 143 -22.87 -18.51 -10.95
N HIS A 144 -24.08 -17.99 -10.85
CA HIS A 144 -25.16 -18.11 -11.84
C HIS A 144 -25.35 -16.82 -12.64
N PHE A 145 -24.89 -15.69 -12.10
CA PHE A 145 -25.02 -14.39 -12.74
C PHE A 145 -23.72 -14.03 -13.48
N HIS A 146 -23.87 -13.61 -14.74
CA HIS A 146 -22.72 -13.25 -15.57
C HIS A 146 -23.03 -11.97 -16.35
N TYR A 147 -22.31 -10.90 -16.06
CA TYR A 147 -22.46 -9.65 -16.81
C TYR A 147 -21.40 -9.85 -17.90
N ASP A 148 -21.84 -10.37 -19.05
CA ASP A 148 -20.97 -10.89 -20.12
C ASP A 148 -20.50 -9.92 -21.19
N ARG A 149 -21.17 -8.77 -21.33
CA ARG A 149 -20.80 -7.75 -22.30
C ARG A 149 -21.51 -6.47 -21.92
N PRO A 150 -21.02 -5.29 -22.40
CA PRO A 150 -21.67 -4.03 -22.01
C PRO A 150 -23.17 -4.05 -22.18
N GLY A 151 -23.90 -3.76 -21.10
CA GLY A 151 -25.35 -3.69 -21.12
C GLY A 151 -26.07 -5.01 -21.31
N HIS A 152 -25.48 -6.12 -20.86
CA HIS A 152 -26.09 -7.45 -21.01
C HIS A 152 -25.66 -8.39 -19.92
N TYR A 153 -26.59 -9.24 -19.48
CA TYR A 153 -26.29 -10.25 -18.45
C TYR A 153 -26.99 -11.58 -18.75
N LYS A 154 -26.52 -12.61 -18.07
CA LYS A 154 -27.11 -13.95 -18.08
C LYS A 154 -27.33 -14.27 -16.61
N ASN A 155 -28.48 -14.84 -16.26
CA ASN A 155 -28.79 -15.28 -14.90
C ASN A 155 -29.34 -16.68 -15.07
N HIS A 156 -28.55 -17.70 -14.67
CA HIS A 156 -28.85 -19.11 -14.91
C HIS A 156 -29.02 -19.29 -16.43
N LYS A 157 -30.24 -19.64 -16.88
CA LYS A 157 -30.58 -19.88 -18.29
C LYS A 157 -31.16 -18.65 -18.99
N LEU A 158 -31.58 -17.63 -18.21
CA LEU A 158 -32.16 -16.38 -18.71
C LEU A 158 -31.06 -15.39 -19.16
N GLU A 159 -31.35 -14.62 -20.20
CA GLU A 159 -30.45 -13.61 -20.78
C GLU A 159 -31.24 -12.30 -20.97
N SER A 160 -30.59 -11.13 -20.80
CA SER A 160 -31.28 -9.85 -21.00
C SER A 160 -30.38 -8.67 -21.14
N GLU A 161 -30.88 -7.63 -21.83
CA GLU A 161 -30.18 -6.34 -21.91
C GLU A 161 -30.46 -5.63 -20.61
N VAL A 162 -29.56 -4.73 -20.23
CA VAL A 162 -29.70 -3.99 -18.99
C VAL A 162 -29.14 -2.60 -19.23
N LYS A 163 -29.80 -1.59 -18.66
CA LYS A 163 -29.40 -0.18 -18.79
C LYS A 163 -29.04 0.45 -17.43
N ARG A 164 -29.65 -0.09 -16.36
CA ARG A 164 -29.49 0.41 -15.00
CA ARG A 164 -29.52 0.41 -14.99
C ARG A 164 -29.37 -0.73 -13.99
N ILE A 165 -28.41 -0.61 -13.07
CA ILE A 165 -28.23 -1.66 -12.07
C ILE A 165 -28.20 -1.05 -10.69
N ASN A 166 -29.12 -1.51 -9.82
CA ASN A 166 -29.10 -1.17 -8.41
C ASN A 166 -28.23 -2.21 -7.73
N MET A 167 -27.45 -1.79 -6.74
CA MET A 167 -26.62 -2.71 -5.97
C MET A 167 -26.85 -2.47 -4.50
N ILE A 168 -27.17 -3.55 -3.77
CA ILE A 168 -27.33 -3.42 -2.34
C ILE A 168 -26.33 -4.38 -1.70
N ALA A 169 -25.43 -3.83 -0.90
CA ALA A 169 -24.43 -4.62 -0.20
C ALA A 169 -24.48 -4.36 1.28
N GLY A 170 -24.11 -5.38 2.03
CA GLY A 170 -23.93 -5.31 3.47
C GLY A 170 -22.57 -5.90 3.81
N GLY A 171 -21.77 -5.16 4.58
CA GLY A 171 -20.45 -5.61 5.03
C GLY A 171 -19.54 -6.14 3.93
N THR A 172 -19.13 -7.43 4.05
CA THR A 172 -18.25 -8.10 3.06
C THR A 172 -18.96 -8.37 1.73
N GLY A 173 -20.28 -8.17 1.69
CA GLY A 173 -21.05 -8.28 0.45
C GLY A 173 -20.67 -7.23 -0.58
N LEU A 174 -19.80 -6.26 -0.18
CA LEU A 174 -19.38 -5.27 -1.13
C LEU A 174 -18.58 -5.78 -2.33
N THR A 175 -17.60 -6.70 -2.13
CA THR A 175 -16.67 -7.04 -3.26
C THR A 175 -17.39 -7.63 -4.49
N PRO A 176 -18.50 -8.41 -4.42
CA PRO A 176 -19.19 -8.77 -5.68
C PRO A 176 -19.69 -7.53 -6.40
N MET A 177 -20.17 -6.49 -5.65
CA MET A 177 -20.64 -5.23 -6.27
C MET A 177 -19.48 -4.46 -6.89
N TYR A 178 -18.39 -4.32 -6.14
CA TYR A 178 -17.19 -3.60 -6.59
C TYR A 178 -16.64 -4.19 -7.93
N GLN A 179 -16.65 -5.51 -8.07
CA GLN A 179 -16.17 -6.17 -9.29
C GLN A 179 -17.05 -5.73 -10.50
N VAL A 180 -18.39 -5.74 -10.31
CA VAL A 180 -19.33 -5.34 -11.37
C VAL A 180 -19.18 -3.85 -11.68
N MET A 181 -19.07 -3.01 -10.62
CA MET A 181 -18.90 -1.56 -10.81
C MET A 181 -17.65 -1.28 -11.65
N LYS A 182 -16.53 -1.91 -11.32
CA LYS A 182 -15.31 -1.68 -12.11
C LYS A 182 -15.44 -2.18 -13.55
N ALA A 183 -16.07 -3.33 -13.74
CA ALA A 183 -16.23 -3.91 -15.10
C ALA A 183 -17.04 -2.96 -15.99
N ILE A 184 -18.03 -2.27 -15.40
CA ILE A 184 -18.89 -1.34 -16.12
C ILE A 184 -18.22 0.01 -16.33
N LEU A 185 -17.68 0.57 -15.27
CA LEU A 185 -17.15 1.94 -15.32
C LEU A 185 -15.82 2.06 -16.04
N SER A 186 -15.00 1.01 -16.00
CA SER A 186 -13.68 1.03 -16.67
C SER A 186 -13.76 0.63 -18.16
N ASN A 187 -14.97 0.31 -18.63
CA ASN A 187 -15.15 -0.08 -20.01
C ASN A 187 -15.46 1.17 -20.83
N PRO A 188 -14.68 1.49 -21.87
CA PRO A 188 -14.92 2.75 -22.63
C PRO A 188 -16.16 2.72 -23.53
N SER A 189 -16.84 1.55 -23.64
CA SER A 189 -18.02 1.35 -24.49
C SER A 189 -19.32 1.00 -23.73
N ASP A 190 -19.28 1.00 -22.41
CA ASP A 190 -20.44 0.63 -21.61
C ASP A 190 -21.06 1.91 -20.98
N LEU A 191 -22.36 2.15 -21.20
CA LEU A 191 -23.08 3.33 -20.66
C LEU A 191 -24.07 2.97 -19.55
N THR A 192 -23.99 1.73 -19.04
CA THR A 192 -24.86 1.28 -17.95
C THR A 192 -24.67 2.18 -16.72
N GLU A 193 -25.77 2.57 -16.07
CA GLU A 193 -25.76 3.41 -14.87
C GLU A 193 -25.87 2.50 -13.64
N ILE A 194 -25.35 2.97 -12.52
CA ILE A 194 -25.32 2.18 -11.29
C ILE A 194 -25.74 3.01 -10.10
N ARG A 195 -26.46 2.39 -9.15
CA ARG A 195 -26.75 2.99 -7.86
C ARG A 195 -26.35 1.99 -6.81
N LEU A 196 -25.48 2.39 -5.88
CA LEU A 196 -25.09 1.50 -4.80
C LEU A 196 -25.63 1.99 -3.48
N LEU A 197 -26.19 1.05 -2.70
CA LEU A 197 -26.63 1.32 -1.34
C LEU A 197 -25.81 0.35 -0.47
N TYR A 198 -24.97 0.90 0.41
CA TYR A 198 -24.05 0.05 1.18
C TYR A 198 -24.31 0.21 2.66
N ALA A 199 -24.72 -0.90 3.31
CA ALA A 199 -25.04 -0.90 4.75
C ALA A 199 -23.97 -1.58 5.59
N ASN A 200 -23.63 -0.99 6.75
CA ASN A 200 -22.64 -1.55 7.67
C ASN A 200 -23.02 -1.23 9.09
N GLN A 201 -22.46 -1.94 10.06
CA GLN A 201 -22.80 -1.67 11.46
C GLN A 201 -22.30 -0.29 11.90
N THR A 202 -21.02 0.00 11.64
CA THR A 202 -20.36 1.28 11.97
C THR A 202 -19.65 1.80 10.73
N GLU A 203 -19.31 3.10 10.75
CA GLU A 203 -18.56 3.80 9.71
C GLU A 203 -17.17 3.15 9.51
N ALA A 204 -16.58 2.63 10.60
CA ALA A 204 -15.27 1.96 10.61
C ALA A 204 -15.30 0.63 9.83
N ASP A 205 -16.49 -0.01 9.72
CA ASP A 205 -16.68 -1.27 9.01
C ASP A 205 -16.81 -1.12 7.49
N ILE A 206 -16.96 0.11 6.97
CA ILE A 206 -17.14 0.31 5.52
C ILE A 206 -15.85 -0.14 4.82
N LEU A 207 -15.96 -1.10 3.89
CA LEU A 207 -14.81 -1.55 3.13
C LEU A 207 -14.62 -0.65 1.90
N LEU A 208 -13.36 -0.45 1.49
CA LEU A 208 -12.97 0.24 0.25
C LEU A 208 -13.63 1.60 0.07
N ARG A 209 -13.84 2.33 1.18
CA ARG A 209 -14.48 3.65 1.09
C ARG A 209 -13.71 4.64 0.20
N PRO A 210 -12.36 4.79 0.31
CA PRO A 210 -11.65 5.72 -0.60
C PRO A 210 -11.85 5.34 -2.06
N GLU A 211 -11.81 4.04 -2.36
CA GLU A 211 -11.99 3.51 -3.72
C GLU A 211 -13.37 3.77 -4.24
N LEU A 212 -14.40 3.56 -3.41
CA LEU A 212 -15.78 3.83 -3.79
C LEU A 212 -15.97 5.31 -4.05
N GLU A 213 -15.47 6.17 -3.14
CA GLU A 213 -15.57 7.61 -3.34
C GLU A 213 -14.85 8.07 -4.63
N ALA A 214 -13.68 7.48 -4.94
CA ALA A 214 -12.93 7.84 -6.15
C ALA A 214 -13.69 7.42 -7.43
N LEU A 215 -14.42 6.29 -7.38
CA LEU A 215 -15.25 5.85 -8.53
C LEU A 215 -16.38 6.83 -8.75
N ALA A 216 -17.07 7.24 -7.67
CA ALA A 216 -18.20 8.18 -7.75
C ALA A 216 -17.68 9.55 -8.28
N LYS A 217 -16.47 9.94 -7.83
CA LYS A 217 -15.86 11.20 -8.27
C LYS A 217 -15.44 11.16 -9.76
N SER A 218 -14.93 10.01 -10.24
CA SER A 218 -14.43 9.92 -11.60
C SER A 218 -15.51 9.46 -12.64
N HIS A 219 -16.72 9.08 -12.20
CA HIS A 219 -17.81 8.76 -13.16
C HIS A 219 -19.10 9.37 -12.55
N PRO A 220 -19.13 10.72 -12.34
CA PRO A 220 -20.26 11.32 -11.60
C PRO A 220 -21.63 11.17 -12.23
N ASP A 221 -21.70 11.04 -13.57
CA ASP A 221 -23.01 10.92 -14.18
C ASP A 221 -23.45 9.48 -14.37
N ARG A 222 -22.60 8.50 -13.99
CA ARG A 222 -22.90 7.08 -14.20
C ARG A 222 -23.11 6.31 -12.90
N VAL A 223 -22.69 6.85 -11.78
CA VAL A 223 -22.85 6.14 -10.50
C VAL A 223 -23.12 7.08 -9.35
N LYS A 224 -23.91 6.61 -8.39
CA LYS A 224 -24.12 7.27 -7.09
C LYS A 224 -23.96 6.22 -6.03
N ILE A 225 -23.37 6.62 -4.88
CA ILE A 225 -23.18 5.70 -3.77
C ILE A 225 -23.79 6.32 -2.53
N HIS A 226 -24.60 5.52 -1.79
CA HIS A 226 -25.21 5.99 -0.55
C HIS A 226 -24.88 4.96 0.51
N TYR A 227 -24.63 5.44 1.74
CA TYR A 227 -24.26 4.59 2.87
C TYR A 227 -25.26 4.69 3.99
N THR A 228 -25.36 3.63 4.81
CA THR A 228 -26.11 3.62 6.06
C THR A 228 -25.27 2.88 7.08
N VAL A 229 -25.32 3.35 8.32
CA VAL A 229 -24.66 2.71 9.46
C VAL A 229 -25.70 2.58 10.58
N ASP A 230 -25.60 1.53 11.42
CA ASP A 230 -26.53 1.29 12.52
C ASP A 230 -26.41 2.40 13.52
N ARG A 231 -25.18 2.57 14.06
CA ARG A 231 -24.88 3.59 15.04
C ARG A 231 -23.89 4.62 14.47
N PRO A 232 -24.45 5.77 14.04
CA PRO A 232 -23.62 6.84 13.46
C PRO A 232 -22.96 7.79 14.46
N THR A 233 -21.90 8.50 13.99
CA THR A 233 -21.16 9.52 14.72
C THR A 233 -21.74 10.91 14.36
N PRO A 234 -21.49 12.01 15.13
CA PRO A 234 -22.14 13.30 14.80
C PRO A 234 -21.85 13.89 13.41
N GLY A 235 -20.64 13.68 12.88
CA GLY A 235 -20.27 14.21 11.57
C GLY A 235 -20.55 13.31 10.38
N TRP A 236 -21.65 12.51 10.45
CA TRP A 236 -22.05 11.53 9.41
C TRP A 236 -23.05 12.17 8.42
N LYS A 237 -22.68 12.23 7.14
CA LYS A 237 -23.50 12.87 6.10
C LYS A 237 -24.45 11.92 5.34
N TYR A 238 -24.64 10.69 5.84
CA TYR A 238 -25.51 9.74 5.15
C TYR A 238 -26.62 9.19 6.06
N SER A 239 -27.22 8.04 5.70
CA SER A 239 -28.34 7.47 6.46
C SER A 239 -27.96 6.69 7.72
N SER A 240 -28.94 6.51 8.62
CA SER A 240 -28.80 5.78 9.88
C SER A 240 -29.84 4.65 9.91
N GLY A 241 -29.49 3.57 10.61
CA GLY A 241 -30.40 2.46 10.83
C GLY A 241 -30.46 1.48 9.68
N PHE A 242 -31.46 0.58 9.71
CA PHE A 242 -31.65 -0.45 8.71
C PHE A 242 -32.19 0.10 7.40
N ILE A 243 -31.87 -0.59 6.29
CA ILE A 243 -32.39 -0.26 4.97
C ILE A 243 -33.95 -0.33 5.06
N ASP A 244 -34.64 0.75 4.65
CA ASP A 244 -36.09 0.82 4.62
C ASP A 244 -36.54 1.35 3.25
N LEU A 245 -37.86 1.42 3.01
CA LEU A 245 -38.39 1.88 1.71
C LEU A 245 -37.88 3.28 1.34
N ASP A 246 -37.93 4.23 2.30
CA ASP A 246 -37.47 5.62 2.10
C ASP A 246 -36.01 5.65 1.66
N MET A 247 -35.15 4.87 2.32
CA MET A 247 -33.74 4.81 1.97
C MET A 247 -33.54 4.23 0.57
N CYS A 248 -34.30 3.15 0.22
CA CYS A 248 -34.22 2.55 -1.11
C CYS A 248 -34.70 3.52 -2.18
N GLU A 249 -35.76 4.31 -1.90
CA GLU A 249 -36.28 5.28 -2.87
C GLU A 249 -35.30 6.45 -3.07
N ARG A 250 -34.61 6.85 -2.00
CA ARG A 250 -33.63 7.94 -2.12
C ARG A 250 -32.36 7.51 -2.86
N ALA A 251 -31.87 6.31 -2.58
CA ALA A 251 -30.60 5.79 -3.10
C ALA A 251 -30.66 5.02 -4.39
N LEU A 252 -31.80 4.39 -4.72
CA LEU A 252 -31.85 3.48 -5.87
C LEU A 252 -32.84 3.84 -6.97
N PHE A 253 -32.68 3.19 -8.13
CA PHE A 253 -33.64 3.36 -9.24
C PHE A 253 -34.91 2.55 -8.96
N ARG A 254 -36.06 3.06 -9.41
CA ARG A 254 -37.31 2.28 -9.33
C ARG A 254 -37.26 1.30 -10.51
N TYR A 255 -38.03 0.21 -10.46
CA TYR A 255 -38.04 -0.72 -11.59
C TYR A 255 -38.70 -0.10 -12.85
N GLU A 256 -38.09 -0.37 -13.99
CA GLU A 256 -38.51 -0.07 -15.36
C GLU A 256 -37.86 -1.19 -16.16
N PRO A 257 -38.39 -1.60 -17.34
CA PRO A 257 -37.68 -2.62 -18.14
C PRO A 257 -36.24 -2.14 -18.42
N GLY A 258 -35.27 -2.99 -18.17
CA GLY A 258 -33.88 -2.63 -18.36
C GLY A 258 -33.16 -2.33 -17.06
N THR A 259 -33.90 -2.31 -15.92
CA THR A 259 -33.35 -2.05 -14.57
C THR A 259 -33.42 -3.33 -13.76
N ILE A 260 -32.29 -3.70 -13.16
CA ILE A 260 -32.20 -4.86 -12.27
C ILE A 260 -31.61 -4.40 -10.95
N SER A 261 -31.75 -5.23 -9.92
CA SER A 261 -31.14 -4.98 -8.61
C SER A 261 -30.37 -6.25 -8.27
N VAL A 262 -29.12 -6.08 -7.81
CA VAL A 262 -28.28 -7.19 -7.40
C VAL A 262 -27.94 -7.02 -5.93
N LEU A 263 -27.87 -8.11 -5.19
CA LEU A 263 -27.73 -8.04 -3.75
C LEU A 263 -26.71 -8.99 -3.21
N CYS A 264 -25.99 -8.56 -2.18
CA CYS A 264 -25.05 -9.42 -1.47
C CYS A 264 -24.86 -8.91 -0.06
N GLY A 265 -25.19 -9.75 0.88
CA GLY A 265 -25.06 -9.40 2.28
C GLY A 265 -25.58 -10.48 3.19
N PRO A 266 -25.59 -10.21 4.52
CA PRO A 266 -26.10 -11.22 5.47
C PRO A 266 -27.53 -11.65 5.11
N PRO A 267 -27.83 -12.97 5.16
CA PRO A 267 -29.17 -13.43 4.79
C PRO A 267 -30.33 -12.66 5.45
N PRO A 268 -30.33 -12.29 6.79
CA PRO A 268 -31.49 -11.56 7.34
C PRO A 268 -31.69 -10.19 6.70
N MET A 269 -30.59 -9.46 6.43
CA MET A 269 -30.65 -8.14 5.78
C MET A 269 -31.35 -8.21 4.41
N LEU A 270 -30.99 -9.22 3.60
CA LEU A 270 -31.54 -9.40 2.27
C LEU A 270 -33.02 -9.78 2.29
N LYS A 271 -33.37 -10.81 3.09
CA LYS A 271 -34.72 -11.32 3.13
C LYS A 271 -35.72 -10.35 3.79
N PHE A 272 -35.29 -9.65 4.84
CA PHE A 272 -36.19 -8.83 5.64
C PHE A 272 -36.10 -7.33 5.35
N ALA A 273 -34.91 -6.79 5.04
CA ALA A 273 -34.80 -5.35 4.78
C ALA A 273 -34.75 -4.95 3.31
N CYS A 274 -34.23 -5.82 2.43
CA CYS A 274 -34.04 -5.49 1.03
C CYS A 274 -35.17 -5.90 0.11
N HIS A 275 -35.39 -7.23 -0.05
CA HIS A 275 -36.41 -7.73 -0.97
C HIS A 275 -37.80 -7.13 -0.74
N PRO A 276 -38.30 -6.99 0.51
CA PRO A 276 -39.64 -6.39 0.68
C PRO A 276 -39.76 -4.98 0.07
N ASN A 277 -38.71 -4.17 0.25
CA ASN A 277 -38.64 -2.79 -0.22
C ASN A 277 -38.41 -2.70 -1.73
N LEU A 278 -37.57 -3.59 -2.31
CA LEU A 278 -37.37 -3.62 -3.77
C LEU A 278 -38.68 -4.08 -4.44
N GLU A 279 -39.38 -5.06 -3.82
CA GLU A 279 -40.65 -5.56 -4.33
C GLU A 279 -41.68 -4.40 -4.42
N LYS A 280 -41.64 -3.48 -3.43
CA LYS A 280 -42.50 -2.30 -3.41
C LYS A 280 -42.08 -1.30 -4.50
N MET A 281 -40.79 -1.32 -4.90
CA MET A 281 -40.26 -0.43 -5.96
C MET A 281 -40.45 -1.02 -7.38
N GLY A 282 -41.13 -2.16 -7.46
CA GLY A 282 -41.43 -2.83 -8.73
C GLY A 282 -40.58 -4.03 -9.10
N PHE A 283 -39.58 -4.37 -8.28
CA PHE A 283 -38.71 -5.51 -8.58
C PHE A 283 -39.35 -6.84 -8.22
N GLU A 284 -38.80 -7.93 -8.77
CA GLU A 284 -39.30 -9.29 -8.61
C GLU A 284 -38.13 -10.21 -8.21
N LYS A 285 -38.21 -10.79 -7.00
CA LYS A 285 -37.20 -11.70 -6.46
C LYS A 285 -36.90 -12.86 -7.43
N GLY A 286 -35.62 -13.04 -7.74
CA GLY A 286 -35.13 -14.09 -8.63
C GLY A 286 -35.18 -13.79 -10.11
N VAL A 287 -35.89 -12.71 -10.51
CA VAL A 287 -36.02 -12.33 -11.92
C VAL A 287 -35.37 -10.95 -12.13
N THR A 288 -35.81 -9.90 -11.40
CA THR A 288 -35.20 -8.56 -11.55
C THR A 288 -34.43 -8.14 -10.29
N SER A 289 -34.51 -8.95 -9.23
CA SER A 289 -33.77 -8.79 -7.96
C SER A 289 -32.98 -10.10 -7.83
N ILE A 290 -31.66 -10.03 -8.07
CA ILE A 290 -30.79 -11.20 -8.11
C ILE A 290 -29.79 -11.17 -6.97
N GLU A 291 -29.66 -12.31 -6.24
CA GLU A 291 -28.69 -12.37 -5.15
C GLU A 291 -27.41 -13.02 -5.63
N PHE A 292 -26.26 -12.54 -5.13
CA PHE A 292 -24.99 -13.19 -5.39
C PHE A 292 -24.85 -14.32 -4.36
N ASP B 24 -6.35 19.34 9.44
CA ASP B 24 -5.28 18.40 9.79
C ASP B 24 -3.88 19.03 9.52
N ALA B 25 -3.58 20.15 10.21
CA ALA B 25 -2.35 20.94 10.08
C ALA B 25 -1.08 20.13 10.41
N PRO B 26 -0.11 20.05 9.47
CA PRO B 26 1.10 19.26 9.74
C PRO B 26 2.11 19.96 10.65
N PHE B 27 2.99 19.19 11.27
CA PHE B 27 4.10 19.68 12.09
C PHE B 27 5.10 20.46 11.21
N LEU B 28 5.57 19.85 10.09
CA LEU B 28 6.56 20.48 9.21
C LEU B 28 6.05 21.71 8.48
N ASN B 29 6.83 22.78 8.56
CA ASN B 29 6.56 24.06 7.91
C ASN B 29 7.90 24.51 7.31
N PRO B 30 8.00 24.53 5.97
CA PRO B 30 9.29 24.84 5.34
C PRO B 30 9.87 26.22 5.62
N LYS B 31 9.05 27.13 6.21
CA LYS B 31 9.46 28.50 6.54
C LYS B 31 9.86 28.61 8.00
N LYS B 32 9.66 27.52 8.80
CA LYS B 32 9.90 27.60 10.23
C LYS B 32 10.79 26.51 10.80
N GLN B 33 11.49 26.87 11.88
CA GLN B 33 12.30 25.95 12.69
C GLN B 33 11.31 25.52 13.77
N LYS B 34 10.99 24.22 13.81
CA LYS B 34 10.00 23.70 14.76
C LYS B 34 10.70 22.84 15.79
N ALA B 35 10.49 23.11 17.09
CA ALA B 35 11.11 22.34 18.17
C ALA B 35 10.51 20.93 18.27
N ALA B 36 11.35 19.91 18.52
CA ALA B 36 10.87 18.54 18.69
C ALA B 36 11.64 18.00 19.88
N GLU B 37 10.92 17.39 20.81
CA GLU B 37 11.50 16.86 22.04
C GLU B 37 11.83 15.41 21.95
N LEU B 38 13.02 15.02 22.43
CA LEU B 38 13.42 13.62 22.41
C LEU B 38 12.58 12.84 23.44
N LYS B 39 11.87 11.81 22.95
CA LYS B 39 10.99 10.95 23.77
C LYS B 39 11.64 9.61 24.14
N GLU B 40 12.48 9.03 23.26
CA GLU B 40 13.18 7.79 23.54
C GLU B 40 14.46 7.80 22.76
N LYS B 41 15.49 7.14 23.27
CA LYS B 41 16.79 7.03 22.58
C LYS B 41 17.15 5.55 22.75
N ILE B 42 17.05 4.78 21.66
CA ILE B 42 17.16 3.34 21.73
C ILE B 42 18.29 2.78 20.87
N LYS B 43 19.21 2.06 21.46
CA LYS B 43 20.32 1.52 20.68
C LYS B 43 19.86 0.45 19.72
N ILE B 44 20.31 0.54 18.46
CA ILE B 44 20.04 -0.51 17.46
C ILE B 44 21.29 -1.43 17.48
N SER B 45 22.46 -0.82 17.49
CA SER B 45 23.72 -1.55 17.63
C SER B 45 24.70 -0.63 18.34
N HIS B 46 25.96 -1.06 18.53
CA HIS B 46 26.94 -0.27 19.28
C HIS B 46 27.13 1.15 18.75
N ASP B 47 26.96 1.39 17.44
CA ASP B 47 27.15 2.73 16.87
C ASP B 47 25.97 3.22 16.03
N VAL B 48 24.76 2.63 16.22
CA VAL B 48 23.54 3.07 15.53
C VAL B 48 22.49 3.25 16.61
N THR B 49 21.90 4.45 16.65
CA THR B 49 20.86 4.77 17.64
C THR B 49 19.61 5.24 16.96
N LEU B 50 18.45 4.83 17.50
CA LEU B 50 17.14 5.33 17.05
C LEU B 50 16.74 6.44 18.01
N PHE B 51 16.41 7.62 17.46
CA PHE B 51 15.98 8.77 18.26
C PHE B 51 14.51 8.96 17.95
N ARG B 52 13.65 8.91 18.98
CA ARG B 52 12.22 9.08 18.77
C ARG B 52 11.85 10.45 19.25
N PHE B 53 11.48 11.34 18.32
CA PHE B 53 11.14 12.74 18.62
C PHE B 53 9.66 12.96 18.60
N GLY B 54 9.15 13.61 19.62
CA GLY B 54 7.72 13.91 19.68
C GLY B 54 7.37 15.13 18.85
N LEU B 55 6.13 15.14 18.30
CA LEU B 55 5.55 16.28 17.60
C LEU B 55 4.82 17.13 18.63
N GLU B 56 4.05 18.13 18.23
CA GLU B 56 3.40 19.05 19.18
C GLU B 56 2.33 18.36 20.02
N HIS B 57 1.70 17.32 19.45
CA HIS B 57 0.68 16.50 20.10
C HIS B 57 0.69 15.10 19.50
N ASP B 58 0.18 14.11 20.26
CA ASP B 58 0.33 12.73 19.80
C ASP B 58 -0.55 12.32 18.60
N GLU B 59 -1.39 13.22 18.06
CA GLU B 59 -2.19 12.90 16.88
C GLU B 59 -1.77 13.73 15.65
N GLN B 60 -0.71 14.54 15.80
CA GLN B 60 -0.23 15.43 14.74
C GLN B 60 0.39 14.69 13.58
N LEU B 61 0.05 15.13 12.38
CA LEU B 61 0.60 14.63 11.12
C LEU B 61 1.99 15.23 10.98
N LEU B 62 2.97 14.41 10.57
CA LEU B 62 4.33 14.93 10.36
C LEU B 62 4.35 15.94 9.19
N GLY B 63 3.77 15.55 8.05
CA GLY B 63 3.71 16.40 6.86
C GLY B 63 4.98 16.31 6.04
N LEU B 64 5.53 15.08 5.89
CA LEU B 64 6.74 14.83 5.12
C LEU B 64 6.37 14.01 3.86
N PRO B 65 6.29 14.63 2.68
CA PRO B 65 5.97 13.86 1.48
C PRO B 65 7.07 12.85 1.14
N THR B 66 6.67 11.74 0.48
CA THR B 66 7.62 10.69 0.10
C THR B 66 8.60 11.26 -0.91
N GLY B 67 9.89 11.08 -0.66
CA GLY B 67 10.97 11.62 -1.48
C GLY B 67 11.65 12.82 -0.84
N LYS B 68 11.03 13.38 0.23
CA LYS B 68 11.53 14.54 0.93
C LYS B 68 12.14 14.19 2.31
N HIS B 69 12.97 15.12 2.83
CA HIS B 69 13.66 14.92 4.11
C HIS B 69 13.52 16.19 4.96
N MET B 70 14.22 16.23 6.11
CA MET B 70 14.16 17.36 7.03
CA MET B 70 14.17 17.40 6.98
C MET B 70 15.55 17.82 7.41
N LEU B 71 15.68 19.05 7.87
CA LEU B 71 16.95 19.54 8.37
C LEU B 71 16.78 19.59 9.88
N ILE B 72 17.71 18.98 10.59
CA ILE B 72 17.63 18.96 12.04
C ILE B 72 18.83 19.75 12.56
N ARG B 73 18.57 20.61 13.53
CA ARG B 73 19.65 21.44 14.06
C ARG B 73 19.59 21.61 15.55
N LYS B 74 20.73 22.03 16.12
CA LYS B 74 20.83 22.37 17.53
C LYS B 74 21.92 23.38 17.76
N LYS B 75 21.65 24.33 18.67
CA LYS B 75 22.64 25.33 19.10
C LYS B 75 23.39 24.68 20.27
N VAL B 76 24.72 24.55 20.13
CA VAL B 76 25.57 23.96 21.17
C VAL B 76 26.76 24.88 21.48
N THR B 77 27.53 24.54 22.52
CA THR B 77 28.80 25.22 22.82
C THR B 77 29.88 24.23 22.33
N ASN B 78 30.60 24.56 21.24
CA ASN B 78 31.60 23.63 20.68
C ASN B 78 32.83 23.41 21.60
N ALA B 79 33.83 22.60 21.14
CA ALA B 79 35.08 22.30 21.86
C ALA B 79 35.90 23.55 22.18
N GLU B 80 35.88 24.55 21.27
CA GLU B 80 36.58 25.83 21.42
C GLU B 80 35.89 26.77 22.41
N GLY B 81 34.69 26.40 22.87
CA GLY B 81 33.89 27.15 23.83
C GLY B 81 33.03 28.24 23.21
N ASP B 82 32.79 28.15 21.88
CA ASP B 82 31.99 29.10 21.14
C ASP B 82 30.60 28.54 20.87
N GLU B 83 29.59 29.44 20.85
CA GLU B 83 28.21 29.06 20.56
C GLU B 83 28.14 28.77 19.06
N GLU B 84 27.64 27.59 18.69
CA GLU B 84 27.57 27.16 17.29
C GLU B 84 26.24 26.46 17.00
N VAL B 85 25.61 26.77 15.84
CA VAL B 85 24.40 26.08 15.38
C VAL B 85 24.91 25.00 14.40
N VAL B 86 24.56 23.72 14.64
CA VAL B 86 24.99 22.59 13.80
C VAL B 86 23.72 22.00 13.21
N MET B 87 23.73 21.79 11.89
CA MET B 87 22.57 21.29 11.15
CA MET B 87 22.57 21.34 11.12
C MET B 87 22.97 20.22 10.18
N ARG B 88 22.13 19.16 10.06
CA ARG B 88 22.34 18.06 9.12
C ARG B 88 20.99 17.61 8.59
N ALA B 89 20.98 17.05 7.37
CA ALA B 89 19.77 16.47 6.77
C ALA B 89 19.53 15.05 7.31
N TYR B 90 18.26 14.68 7.54
CA TYR B 90 17.89 13.32 7.94
C TYR B 90 16.57 12.94 7.28
N THR B 91 16.48 11.68 6.88
CA THR B 91 15.23 11.12 6.41
C THR B 91 14.79 10.18 7.50
N PRO B 92 13.70 10.52 8.21
CA PRO B 92 13.23 9.62 9.30
C PRO B 92 12.83 8.25 8.76
N THR B 93 12.85 7.24 9.64
CA THR B 93 12.42 5.88 9.25
C THR B 93 10.89 5.74 9.41
N THR B 94 10.22 6.82 9.83
CA THR B 94 8.77 6.92 9.89
C THR B 94 8.39 8.07 8.96
N ALA B 95 7.12 8.15 8.57
CA ALA B 95 6.67 9.28 7.73
C ALA B 95 5.22 9.61 8.10
N ASN B 96 4.37 10.02 7.15
CA ASN B 96 3.01 10.46 7.49
C ASN B 96 2.12 9.40 8.11
N GLU B 97 2.42 8.11 7.87
CA GLU B 97 1.63 7.02 8.47
C GLU B 97 1.72 6.99 10.00
N THR B 98 2.78 7.58 10.58
CA THR B 98 3.01 7.58 12.03
C THR B 98 2.72 8.97 12.59
N ARG B 99 1.62 9.10 13.33
CA ARG B 99 1.26 10.39 13.92
C ARG B 99 1.91 10.59 15.30
N GLY B 100 2.14 11.86 15.66
CA GLY B 100 2.65 12.26 16.96
C GLY B 100 4.13 12.11 17.24
N HIS B 101 4.88 11.46 16.36
CA HIS B 101 6.33 11.35 16.55
C HIS B 101 6.96 10.96 15.24
N PHE B 102 8.29 11.09 15.15
CA PHE B 102 9.07 10.54 14.05
C PHE B 102 10.31 9.87 14.65
N ASP B 103 10.85 8.90 13.91
CA ASP B 103 12.02 8.17 14.36
C ASP B 103 13.15 8.46 13.43
N LEU B 104 14.36 8.70 13.96
CA LEU B 104 15.54 8.85 13.15
C LEU B 104 16.45 7.68 13.47
N VAL B 105 17.01 7.04 12.45
CA VAL B 105 18.02 6.02 12.68
C VAL B 105 19.34 6.68 12.26
N VAL B 106 20.27 6.83 13.22
CA VAL B 106 21.49 7.60 13.00
C VAL B 106 22.75 6.80 13.29
N LYS B 107 23.67 6.84 12.33
CA LYS B 107 25.00 6.26 12.48
C LYS B 107 25.82 7.24 13.30
N ILE B 108 26.35 6.80 14.46
CA ILE B 108 27.15 7.65 15.35
C ILE B 108 28.62 7.53 14.97
N TYR B 109 29.21 8.64 14.51
CA TYR B 109 30.62 8.67 14.10
C TYR B 109 31.38 9.14 15.31
N LYS B 110 31.83 8.15 16.09
CA LYS B 110 32.51 8.39 17.36
C LYS B 110 33.93 8.85 17.19
N ALA B 111 34.39 9.64 18.14
CA ALA B 111 35.77 10.15 18.18
C ALA B 111 36.72 9.03 18.59
N ASN B 112 37.99 9.12 18.14
CA ASN B 112 39.11 8.22 18.46
C ASN B 112 38.83 6.75 18.09
N VAL B 113 38.16 6.54 16.94
CA VAL B 113 37.87 5.22 16.42
C VAL B 113 38.60 5.08 15.08
N HIS B 114 38.30 5.99 14.13
CA HIS B 114 38.90 6.03 12.79
C HIS B 114 40.15 6.92 12.79
N PRO B 115 41.32 6.42 12.32
CA PRO B 115 42.54 7.27 12.31
C PRO B 115 42.43 8.52 11.42
N LYS B 116 41.71 8.41 10.28
CA LYS B 116 41.47 9.51 9.32
C LYS B 116 40.54 10.58 9.91
N PHE B 117 39.65 10.18 10.84
CA PHE B 117 38.68 11.08 11.49
C PHE B 117 38.74 10.94 13.01
N PRO B 118 39.84 11.39 13.68
CA PRO B 118 39.89 11.23 15.15
C PRO B 118 38.83 12.01 15.95
N GLU B 119 38.32 13.11 15.39
CA GLU B 119 37.32 13.96 16.04
C GLU B 119 35.89 13.38 15.92
N GLY B 120 35.71 12.43 15.00
CA GLY B 120 34.41 11.83 14.74
C GLY B 120 33.50 12.78 13.97
N GLY B 121 32.21 12.47 13.98
CA GLY B 121 31.20 13.28 13.33
C GLY B 121 30.57 14.25 14.32
N LYS B 122 30.50 15.54 13.95
CA LYS B 122 29.99 16.60 14.82
C LYS B 122 28.53 16.43 15.30
N PHE B 123 27.58 16.38 14.37
CA PHE B 123 26.16 16.31 14.72
C PHE B 123 25.71 14.93 15.20
N SER B 124 26.26 13.81 14.65
CA SER B 124 25.83 12.49 15.15
C SER B 124 26.25 12.33 16.63
N GLN B 125 27.41 12.92 17.03
CA GLN B 125 27.84 12.90 18.44
C GLN B 125 26.97 13.81 19.29
N ILE B 126 26.52 14.98 18.72
CA ILE B 126 25.59 15.90 19.41
C ILE B 126 24.30 15.14 19.72
N LEU B 127 23.74 14.44 18.70
CA LEU B 127 22.50 13.68 18.86
C LEU B 127 22.71 12.57 19.91
N GLU B 128 23.80 11.79 19.80
CA GLU B 128 24.08 10.70 20.75
C GLU B 128 24.21 11.23 22.19
N ALA B 129 24.67 12.48 22.36
CA ALA B 129 24.82 13.05 23.71
C ALA B 129 23.49 13.57 24.28
N LEU B 130 22.44 13.66 23.45
CA LEU B 130 21.14 14.16 23.95
C LEU B 130 20.54 13.18 24.97
N GLU B 131 19.84 13.74 25.96
CA GLU B 131 19.12 12.94 26.96
C GLU B 131 17.64 13.12 26.63
N VAL B 132 16.80 12.13 26.97
CA VAL B 132 15.36 12.24 26.78
C VAL B 132 14.92 13.54 27.46
N GLY B 133 14.11 14.33 26.75
CA GLY B 133 13.64 15.61 27.24
C GLY B 133 14.36 16.77 26.56
N ASP B 134 15.53 16.51 25.93
CA ASP B 134 16.29 17.57 25.20
C ASP B 134 15.57 17.81 23.88
N THR B 135 15.81 18.97 23.27
CA THR B 135 15.12 19.30 22.02
C THR B 135 16.07 19.60 20.88
N VAL B 136 15.54 19.50 19.66
CA VAL B 136 16.25 19.89 18.43
C VAL B 136 15.25 20.75 17.65
N GLU B 137 15.74 21.43 16.62
CA GLU B 137 14.85 22.21 15.75
C GLU B 137 14.77 21.52 14.44
N VAL B 138 13.57 21.48 13.88
CA VAL B 138 13.28 20.76 12.63
C VAL B 138 12.72 21.67 11.56
N LYS B 139 13.34 21.65 10.36
CA LYS B 139 12.85 22.42 9.22
C LYS B 139 12.63 21.51 8.04
N GLY B 140 11.44 21.60 7.45
CA GLY B 140 11.12 20.79 6.28
C GLY B 140 9.71 21.02 5.83
N PRO B 141 9.25 20.31 4.77
CA PRO B 141 10.01 19.32 3.98
C PRO B 141 11.03 19.94 3.04
N ILE B 142 12.09 19.19 2.78
CA ILE B 142 13.16 19.60 1.88
C ILE B 142 13.23 18.60 0.75
N GLY B 143 13.43 19.10 -0.46
CA GLY B 143 13.63 18.21 -1.59
C GLY B 143 12.82 18.59 -2.80
N HIS B 144 13.33 18.16 -3.95
CA HIS B 144 12.82 18.41 -5.30
CA HIS B 144 12.67 18.45 -5.22
C HIS B 144 12.07 17.21 -5.86
N PHE B 145 12.29 16.00 -5.29
CA PHE B 145 11.67 14.76 -5.78
C PHE B 145 10.51 14.39 -4.87
N HIS B 146 9.37 14.10 -5.47
CA HIS B 146 8.18 13.74 -4.69
C HIS B 146 7.49 12.56 -5.37
N TYR B 147 7.42 11.42 -4.69
CA TYR B 147 6.69 10.25 -5.20
C TYR B 147 5.31 10.49 -4.58
N ASP B 148 4.43 11.12 -5.35
CA ASP B 148 3.16 11.68 -4.86
C ASP B 148 1.94 10.79 -4.88
N ARG B 149 1.98 9.70 -5.65
CA ARG B 149 0.87 8.75 -5.71
C ARG B 149 1.40 7.49 -6.35
N PRO B 150 0.70 6.33 -6.19
CA PRO B 150 1.22 5.09 -6.76
C PRO B 150 1.58 5.22 -8.23
N GLY B 151 2.82 4.88 -8.55
CA GLY B 151 3.33 4.91 -9.92
C GLY B 151 3.48 6.28 -10.54
N HIS B 152 3.75 7.30 -9.73
CA HIS B 152 3.91 8.67 -10.24
C HIS B 152 4.85 9.48 -9.37
N TYR B 153 5.64 10.34 -10.02
CA TYR B 153 6.55 11.23 -9.29
C TYR B 153 6.61 12.64 -9.93
N LYS B 154 7.13 13.58 -9.17
CA LYS B 154 7.40 14.94 -9.62
C LYS B 154 8.89 15.15 -9.28
N ASN B 155 9.65 15.75 -10.21
CA ASN B 155 11.06 16.07 -9.99
C ASN B 155 11.18 17.51 -10.45
N HIS B 156 11.35 18.45 -9.48
CA HIS B 156 11.33 19.89 -9.73
C HIS B 156 9.98 20.21 -10.39
N LYS B 157 9.99 20.67 -11.65
CA LYS B 157 8.83 21.06 -12.45
C LYS B 157 8.29 19.92 -13.33
N LEU B 158 9.09 18.85 -13.53
CA LEU B 158 8.75 17.70 -14.35
C LEU B 158 7.90 16.70 -13.57
N GLU B 159 6.97 16.04 -14.25
CA GLU B 159 6.06 15.03 -13.71
C GLU B 159 6.08 13.79 -14.63
N SER B 160 5.93 12.58 -14.05
CA SER B 160 5.90 11.37 -14.88
C SER B 160 5.39 10.14 -14.19
N GLU B 161 4.84 9.21 -14.99
CA GLU B 161 4.43 7.91 -14.50
CA GLU B 161 4.41 7.89 -14.53
C GLU B 161 5.69 7.08 -14.37
N VAL B 162 5.67 6.10 -13.45
CA VAL B 162 6.84 5.27 -13.22
C VAL B 162 6.32 3.86 -12.90
N LYS B 163 7.00 2.86 -13.41
CA LYS B 163 6.67 1.45 -13.21
C LYS B 163 7.77 0.70 -12.46
N ARG B 164 9.02 1.17 -12.61
CA ARG B 164 10.19 0.53 -12.02
CA ARG B 164 10.20 0.54 -12.03
C ARG B 164 11.16 1.57 -11.47
N ILE B 165 11.72 1.31 -10.27
CA ILE B 165 12.66 2.26 -9.68
C ILE B 165 13.90 1.55 -9.22
N ASN B 166 15.06 1.99 -9.75
CA ASN B 166 16.35 1.52 -9.28
C ASN B 166 16.74 2.44 -8.14
N MET B 167 17.38 1.89 -7.10
CA MET B 167 17.85 2.68 -5.96
C MET B 167 19.29 2.34 -5.70
N ILE B 168 20.13 3.36 -5.64
CA ILE B 168 21.54 3.13 -5.31
C ILE B 168 21.84 3.96 -4.10
N ALA B 169 22.25 3.29 -3.02
CA ALA B 169 22.59 3.97 -1.77
C ALA B 169 23.96 3.58 -1.31
N GLY B 170 24.60 4.52 -0.63
CA GLY B 170 25.89 4.31 0.03
C GLY B 170 25.76 4.80 1.46
N GLY B 171 26.13 3.94 2.41
CA GLY B 171 26.13 4.26 3.85
C GLY B 171 24.83 4.83 4.37
N THR B 172 24.88 6.08 4.89
CA THR B 172 23.68 6.77 5.43
C THR B 172 22.69 7.21 4.32
N GLY B 173 23.11 7.09 3.05
CA GLY B 173 22.22 7.34 1.91
C GLY B 173 21.06 6.36 1.84
N LEU B 174 21.08 5.33 2.71
CA LEU B 174 19.98 4.37 2.69
C LEU B 174 18.60 4.94 3.09
N THR B 175 18.51 5.79 4.13
CA THR B 175 17.15 6.15 4.63
C THR B 175 16.28 6.88 3.59
N PRO B 176 16.78 7.73 2.65
CA PRO B 176 15.86 8.25 1.61
C PRO B 176 15.28 7.09 0.78
N MET B 177 16.09 6.03 0.51
CA MET B 177 15.60 4.85 -0.27
C MET B 177 14.57 4.07 0.56
N TYR B 178 14.88 3.79 1.83
CA TYR B 178 14.01 3.04 2.72
C TYR B 178 12.60 3.70 2.82
N GLN B 179 12.55 5.03 2.89
CA GLN B 179 11.27 5.76 2.96
C GLN B 179 10.41 5.49 1.69
N VAL B 180 11.07 5.55 0.52
CA VAL B 180 10.38 5.32 -0.76
C VAL B 180 9.96 3.86 -0.86
N MET B 181 10.85 2.93 -0.47
CA MET B 181 10.54 1.47 -0.50
C MET B 181 9.32 1.20 0.33
N LYS B 182 9.25 1.73 1.56
CA LYS B 182 8.07 1.49 2.39
C LYS B 182 6.80 2.09 1.82
N ALA B 183 6.88 3.32 1.29
CA ALA B 183 5.71 4.00 0.70
C ALA B 183 5.12 3.18 -0.45
N ILE B 184 6.00 2.51 -1.23
CA ILE B 184 5.59 1.70 -2.37
C ILE B 184 5.07 0.33 -1.93
N LEU B 185 5.85 -0.35 -1.09
CA LEU B 185 5.53 -1.74 -0.77
C LEU B 185 4.38 -1.90 0.21
N SER B 186 4.18 -0.92 1.10
CA SER B 186 3.08 -0.94 2.09
C SER B 186 1.74 -0.42 1.52
N ASN B 187 1.74 0.01 0.27
CA ASN B 187 0.53 0.54 -0.32
C ASN B 187 -0.18 -0.61 -1.05
N PRO B 188 -1.45 -0.90 -0.73
CA PRO B 188 -2.13 -2.06 -1.35
C PRO B 188 -2.52 -1.85 -2.82
N SER B 189 -2.33 -0.61 -3.36
CA SER B 189 -2.68 -0.30 -4.75
C SER B 189 -1.48 0.10 -5.65
N ASP B 190 -0.27 -0.07 -5.14
CA ASP B 190 0.93 0.30 -5.90
C ASP B 190 1.65 -0.98 -6.37
N LEU B 191 1.85 -1.12 -7.69
CA LEU B 191 2.55 -2.29 -8.25
C LEU B 191 3.95 -1.96 -8.76
N THR B 192 4.46 -0.78 -8.41
CA THR B 192 5.81 -0.36 -8.79
C THR B 192 6.86 -1.36 -8.29
N GLU B 193 7.83 -1.71 -9.17
CA GLU B 193 8.91 -2.67 -8.83
C GLU B 193 10.13 -1.90 -8.41
N ILE B 194 10.96 -2.49 -7.53
CA ILE B 194 12.13 -1.81 -7.01
C ILE B 194 13.37 -2.72 -7.09
N ARG B 195 14.52 -2.11 -7.36
CA ARG B 195 15.80 -2.81 -7.25
C ARG B 195 16.71 -1.93 -6.41
N LEU B 196 17.25 -2.45 -5.32
CA LEU B 196 18.16 -1.68 -4.49
C LEU B 196 19.57 -2.26 -4.59
N LEU B 197 20.54 -1.36 -4.74
CA LEU B 197 21.95 -1.72 -4.72
C LEU B 197 22.54 -0.88 -3.58
N TYR B 198 23.03 -1.54 -2.53
CA TYR B 198 23.48 -0.82 -1.33
C TYR B 198 24.95 -1.07 -1.08
N ALA B 199 25.77 -0.01 -1.15
CA ALA B 199 27.21 -0.08 -0.97
C ALA B 199 27.67 0.46 0.36
N ASN B 200 28.66 -0.22 0.98
CA ASN B 200 29.18 0.21 2.27
C ASN B 200 30.65 -0.12 2.38
N GLN B 201 31.35 0.49 3.32
CA GLN B 201 32.78 0.21 3.51
C GLN B 201 32.97 -1.22 4.03
N THR B 202 32.21 -1.59 5.07
CA THR B 202 32.23 -2.93 5.66
C THR B 202 30.80 -3.43 5.87
N GLU B 203 30.66 -4.75 6.10
CA GLU B 203 29.39 -5.44 6.39
C GLU B 203 28.76 -4.86 7.67
N ALA B 204 29.62 -4.45 8.64
CA ALA B 204 29.20 -3.85 9.93
C ALA B 204 28.52 -2.49 9.74
N ASP B 205 28.85 -1.77 8.65
CA ASP B 205 28.28 -0.46 8.33
C ASP B 205 26.91 -0.51 7.67
N ILE B 206 26.42 -1.70 7.26
CA ILE B 206 25.10 -1.80 6.60
C ILE B 206 24.03 -1.40 7.59
N LEU B 207 23.23 -0.38 7.25
CA LEU B 207 22.14 0.06 8.11
C LEU B 207 20.88 -0.73 7.79
N LEU B 208 20.04 -0.96 8.83
CA LEU B 208 18.69 -1.58 8.70
C LEU B 208 18.68 -2.89 7.89
N ARG B 209 19.76 -3.68 8.02
CA ARG B 209 19.83 -4.95 7.26
C ARG B 209 18.64 -5.89 7.60
N PRO B 210 18.28 -6.15 8.89
CA PRO B 210 17.13 -7.03 9.15
C PRO B 210 15.85 -6.53 8.48
N GLU B 211 15.62 -5.22 8.53
CA GLU B 211 14.44 -4.58 7.95
C GLU B 211 14.43 -4.72 6.45
N LEU B 212 15.57 -4.50 5.79
CA LEU B 212 15.69 -4.65 4.34
C LEU B 212 15.44 -6.09 3.95
N GLU B 213 16.07 -7.04 4.65
CA GLU B 213 15.86 -8.46 4.36
C GLU B 213 14.38 -8.86 4.53
N ALA B 214 13.71 -8.33 5.57
CA ALA B 214 12.28 -8.64 5.82
C ALA B 214 11.40 -8.07 4.70
N LEU B 215 11.76 -6.90 4.14
CA LEU B 215 10.99 -6.32 3.01
C LEU B 215 11.14 -7.19 1.77
N ALA B 216 12.37 -7.62 1.46
CA ALA B 216 12.65 -8.49 0.30
C ALA B 216 11.92 -9.84 0.47
N LYS B 217 11.87 -10.35 1.71
CA LYS B 217 11.19 -11.62 2.03
C LYS B 217 9.66 -11.48 1.91
N SER B 218 9.09 -10.33 2.32
CA SER B 218 7.64 -10.16 2.31
C SER B 218 7.07 -9.54 0.99
N HIS B 219 7.93 -9.14 0.03
CA HIS B 219 7.45 -8.66 -1.29
C HIS B 219 8.43 -9.25 -2.33
N PRO B 220 8.56 -10.59 -2.40
CA PRO B 220 9.63 -11.19 -3.24
C PRO B 220 9.54 -10.93 -4.74
N ASP B 221 8.33 -10.68 -5.26
CA ASP B 221 8.22 -10.44 -6.68
C ASP B 221 8.27 -8.97 -7.05
N ARG B 222 8.37 -8.09 -6.05
CA ARG B 222 8.37 -6.65 -6.25
C ARG B 222 9.69 -5.97 -5.98
N VAL B 223 10.54 -6.59 -5.16
CA VAL B 223 11.82 -5.96 -4.79
C VAL B 223 12.95 -6.97 -4.72
N LYS B 224 14.17 -6.54 -5.09
CA LYS B 224 15.40 -7.30 -4.89
C LYS B 224 16.41 -6.34 -4.29
N ILE B 225 17.25 -6.86 -3.41
CA ILE B 225 18.27 -6.07 -2.74
C ILE B 225 19.61 -6.77 -2.91
N HIS B 226 20.61 -6.00 -3.34
CA HIS B 226 21.97 -6.53 -3.50
C HIS B 226 22.90 -5.60 -2.75
N TYR B 227 23.93 -6.19 -2.11
CA TYR B 227 24.90 -5.47 -1.31
C TYR B 227 26.29 -5.58 -1.89
N THR B 228 27.10 -4.55 -1.64
CA THR B 228 28.55 -4.57 -1.95
C THR B 228 29.28 -3.92 -0.78
N VAL B 229 30.44 -4.47 -0.42
CA VAL B 229 31.26 -3.92 0.66
C VAL B 229 32.69 -3.78 0.14
N ASP B 230 33.39 -2.71 0.56
CA ASP B 230 34.78 -2.47 0.11
C ASP B 230 35.74 -3.45 0.75
N ARG B 231 35.47 -3.83 2.01
CA ARG B 231 36.33 -4.76 2.75
C ARG B 231 35.51 -5.99 3.24
N PRO B 232 35.31 -7.06 2.41
CA PRO B 232 34.49 -8.19 2.86
C PRO B 232 35.18 -9.21 3.76
N THR B 233 34.37 -10.00 4.50
CA THR B 233 34.79 -11.11 5.37
C THR B 233 34.65 -12.43 4.57
N PRO B 234 35.30 -13.57 4.95
CA PRO B 234 35.21 -14.78 4.11
C PRO B 234 33.81 -15.36 3.83
N GLY B 235 32.89 -15.25 4.79
CA GLY B 235 31.53 -15.77 4.63
C GLY B 235 30.52 -14.79 4.04
N TRP B 236 30.97 -13.91 3.11
CA TRP B 236 30.13 -12.87 2.47
C TRP B 236 29.53 -13.40 1.14
N LYS B 237 28.18 -13.41 1.06
CA LYS B 237 27.43 -13.94 -0.08
C LYS B 237 27.07 -12.91 -1.17
N TYR B 238 27.64 -11.69 -1.10
CA TYR B 238 27.32 -10.66 -2.08
C TYR B 238 28.57 -10.10 -2.77
N SER B 239 28.48 -8.91 -3.38
CA SER B 239 29.60 -8.33 -4.14
C SER B 239 30.68 -7.66 -3.30
N SER B 240 31.89 -7.49 -3.89
CA SER B 240 33.05 -6.83 -3.26
C SER B 240 33.50 -5.66 -4.13
N GLY B 241 34.05 -4.65 -3.49
CA GLY B 241 34.61 -3.48 -4.15
C GLY B 241 33.59 -2.44 -4.53
N PHE B 242 34.00 -1.49 -5.38
CA PHE B 242 33.16 -0.39 -5.83
C PHE B 242 32.10 -0.83 -6.83
N ILE B 243 30.96 -0.11 -6.84
CA ILE B 243 29.90 -0.32 -7.83
C ILE B 243 30.52 -0.15 -9.24
N ASP B 244 30.32 -1.15 -10.12
CA ASP B 244 30.81 -1.12 -11.50
C ASP B 244 29.67 -1.50 -12.45
N LEU B 245 29.90 -1.47 -13.77
CA LEU B 245 28.86 -1.80 -14.75
C LEU B 245 28.26 -3.19 -14.53
N ASP B 246 29.11 -4.22 -14.33
CA ASP B 246 28.67 -5.60 -14.09
C ASP B 246 27.75 -5.68 -12.89
N MET B 247 28.12 -5.02 -11.78
CA MET B 247 27.29 -5.02 -10.59
C MET B 247 25.94 -4.34 -10.83
N CYS B 248 25.95 -3.19 -11.57
CA CYS B 248 24.71 -2.48 -11.90
C CYS B 248 23.82 -3.35 -12.81
N GLU B 249 24.41 -4.07 -13.77
CA GLU B 249 23.64 -4.92 -14.68
C GLU B 249 23.04 -6.13 -13.94
N ARG B 250 23.78 -6.67 -12.96
CA ARG B 250 23.26 -7.80 -12.20
C ARG B 250 22.13 -7.40 -11.23
N ALA B 251 22.31 -6.27 -10.53
CA ALA B 251 21.44 -5.79 -9.49
C ALA B 251 20.27 -4.91 -9.91
N LEU B 252 20.40 -4.16 -11.03
CA LEU B 252 19.40 -3.17 -11.39
C LEU B 252 18.69 -3.36 -12.72
N PHE B 253 17.58 -2.63 -12.93
CA PHE B 253 16.86 -2.63 -14.19
C PHE B 253 17.61 -1.78 -15.22
N ARG B 254 17.56 -2.18 -16.52
CA ARG B 254 18.10 -1.36 -17.59
C ARG B 254 17.02 -0.28 -17.83
N TYR B 255 17.39 0.84 -18.45
CA TYR B 255 16.40 1.86 -18.76
C TYR B 255 15.42 1.39 -19.84
N GLU B 256 14.14 1.71 -19.60
CA GLU B 256 12.99 1.49 -20.47
C GLU B 256 12.04 2.64 -20.09
N PRO B 257 11.17 3.17 -20.99
CA PRO B 257 10.23 4.22 -20.54
C PRO B 257 9.44 3.68 -19.34
N GLY B 258 9.39 4.47 -18.28
CA GLY B 258 8.73 4.08 -17.05
C GLY B 258 9.71 3.64 -15.96
N THR B 259 11.03 3.54 -16.30
CA THR B 259 12.07 3.16 -15.33
C THR B 259 12.89 4.40 -14.97
N ILE B 260 13.14 4.62 -13.67
CA ILE B 260 14.01 5.70 -13.18
C ILE B 260 15.03 5.11 -12.22
N SER B 261 16.09 5.86 -11.93
CA SER B 261 17.09 5.46 -10.94
C SER B 261 17.23 6.62 -9.99
N VAL B 262 17.25 6.34 -8.68
CA VAL B 262 17.40 7.37 -7.65
C VAL B 262 18.63 7.05 -6.85
N LEU B 263 19.39 8.08 -6.49
CA LEU B 263 20.68 7.89 -5.83
C LEU B 263 20.88 8.71 -4.59
N CYS B 264 21.53 8.12 -3.57
CA CYS B 264 21.92 8.86 -2.38
C CYS B 264 23.14 8.23 -1.77
N GLY B 265 24.21 8.99 -1.71
CA GLY B 265 25.46 8.53 -1.15
C GLY B 265 26.59 9.52 -1.32
N PRO B 266 27.82 9.12 -0.91
CA PRO B 266 28.96 10.04 -1.03
C PRO B 266 29.14 10.55 -2.46
N PRO B 267 29.42 11.88 -2.63
CA PRO B 267 29.60 12.41 -3.98
C PRO B 267 30.58 11.63 -4.89
N PRO B 268 31.79 11.14 -4.44
CA PRO B 268 32.66 10.38 -5.37
C PRO B 268 32.01 9.08 -5.83
N MET B 269 31.24 8.42 -4.94
CA MET B 269 30.53 7.19 -5.26
C MET B 269 29.55 7.46 -6.41
N LEU B 270 28.70 8.52 -6.28
CA LEU B 270 27.72 8.89 -7.31
C LEU B 270 28.37 9.29 -8.68
N LYS B 271 29.33 10.22 -8.66
CA LYS B 271 29.96 10.71 -9.88
C LYS B 271 30.76 9.65 -10.61
N PHE B 272 31.48 8.78 -9.85
CA PHE B 272 32.38 7.81 -10.46
C PHE B 272 31.86 6.39 -10.55
N ALA B 273 31.19 5.89 -9.50
CA ALA B 273 30.72 4.51 -9.52
C ALA B 273 29.30 4.32 -9.99
N CYS B 274 28.46 5.39 -9.98
CA CYS B 274 27.04 5.25 -10.29
C CYS B 274 26.61 5.79 -11.65
N HIS B 275 26.64 7.13 -11.85
CA HIS B 275 26.22 7.80 -13.09
C HIS B 275 26.84 7.23 -14.35
N PRO B 276 28.17 6.94 -14.41
CA PRO B 276 28.74 6.40 -15.65
C PRO B 276 28.11 5.10 -16.09
N ASN B 277 27.88 4.20 -15.13
CA ASN B 277 27.28 2.89 -15.36
C ASN B 277 25.80 2.98 -15.71
N LEU B 278 25.05 3.89 -15.04
CA LEU B 278 23.63 4.12 -15.33
C LEU B 278 23.45 4.72 -16.72
N GLU B 279 24.39 5.59 -17.11
CA GLU B 279 24.39 6.21 -18.44
C GLU B 279 24.57 5.12 -19.50
N LYS B 280 25.42 4.12 -19.23
CA LYS B 280 25.65 2.98 -20.11
C LYS B 280 24.43 2.05 -20.16
N MET B 281 23.63 2.04 -19.09
CA MET B 281 22.41 1.24 -19.01
C MET B 281 21.17 1.95 -19.58
N GLY B 282 21.38 3.13 -20.18
CA GLY B 282 20.34 3.93 -20.82
C GLY B 282 19.77 5.10 -20.04
N PHE B 283 20.24 5.30 -18.80
CA PHE B 283 19.73 6.41 -17.98
C PHE B 283 20.36 7.75 -18.37
N GLU B 284 19.73 8.85 -17.96
CA GLU B 284 20.14 10.21 -18.26
C GLU B 284 20.17 11.03 -16.96
N LYS B 285 21.37 11.50 -16.56
CA LYS B 285 21.58 12.28 -15.33
C LYS B 285 20.65 13.50 -15.30
N GLY B 286 19.92 13.64 -14.20
CA GLY B 286 19.00 14.74 -13.97
C GLY B 286 17.61 14.58 -14.55
N VAL B 287 17.41 13.58 -15.42
CA VAL B 287 16.11 13.34 -16.06
C VAL B 287 15.60 11.94 -15.61
N THR B 288 16.37 10.85 -15.86
CA THR B 288 15.95 9.50 -15.44
C THR B 288 16.84 8.93 -14.33
N SER B 289 17.92 9.65 -13.98
CA SER B 289 18.83 9.36 -12.86
C SER B 289 18.74 10.59 -11.99
N ILE B 290 18.12 10.45 -10.81
CA ILE B 290 17.87 11.57 -9.91
C ILE B 290 18.60 11.37 -8.58
N GLU B 291 19.32 12.42 -8.12
CA GLU B 291 19.99 12.33 -6.82
C GLU B 291 19.15 12.95 -5.73
N PHE B 292 19.15 12.34 -4.53
CA PHE B 292 18.50 12.95 -3.38
C PHE B 292 19.49 13.97 -2.78
PA FAD C . -16.85 -17.58 10.26
O1A FAD C . -16.09 -18.52 11.11
O2A FAD C . -17.54 -18.23 9.08
O5B FAD C . -17.90 -16.78 11.21
C5B FAD C . -19.26 -16.58 10.77
C4B FAD C . -19.67 -15.15 10.98
O4B FAD C . -19.48 -14.75 12.36
C3B FAD C . -18.88 -14.10 10.20
O3B FAD C . -19.29 -14.03 8.83
C2B FAD C . -19.19 -12.82 10.99
O2B FAD C . -20.40 -12.21 10.56
C1B FAD C . -19.33 -13.35 12.43
N9A FAD C . -18.20 -13.02 13.30
C8A FAD C . -17.26 -13.90 13.79
N7A FAD C . -16.33 -13.34 14.52
C5A FAD C . -16.67 -12.00 14.51
C6A FAD C . -16.05 -10.85 15.05
N6A FAD C . -14.82 -10.85 15.58
N1A FAD C . -16.67 -9.66 14.89
C2A FAD C . -17.80 -9.62 14.19
N3A FAD C . -18.45 -10.61 13.58
C4A FAD C . -17.82 -11.79 13.78
N1 FAD C . -15.33 -11.62 2.77
C2 FAD C . -14.28 -10.74 2.70
O2 FAD C . -13.69 -10.38 3.72
N3 FAD C . -13.86 -10.27 1.44
C4 FAD C . -14.44 -10.60 0.21
O4 FAD C . -13.94 -10.22 -0.83
C4X FAD C . -15.58 -11.50 0.31
N5 FAD C . -16.21 -11.84 -0.80
C5X FAD C . -17.32 -12.67 -0.69
C6 FAD C . -18.03 -13.00 -1.85
C7 FAD C . -19.15 -13.83 -1.81
C7M FAD C . -19.88 -14.14 -3.09
C8 FAD C . -19.59 -14.34 -0.56
C8M FAD C . -20.78 -15.28 -0.48
C9 FAD C . -18.91 -13.98 0.60
C9A FAD C . -17.78 -13.17 0.55
N10 FAD C . -17.04 -12.81 1.72
C10 FAD C . -15.95 -11.97 1.65
C1' FAD C . -17.31 -13.43 3.02
C2' FAD C . -16.51 -14.72 3.26
O2' FAD C . -17.02 -15.78 2.46
C3' FAD C . -16.50 -15.15 4.72
O3' FAD C . -17.83 -15.38 5.17
C4' FAD C . -15.75 -14.20 5.66
O4' FAD C . -14.38 -14.16 5.28
C5' FAD C . -15.84 -14.59 7.12
O5' FAD C . -15.52 -16.00 7.25
P FAD C . -14.78 -16.58 8.55
O1P FAD C . -14.44 -18.00 8.33
O2P FAD C . -13.65 -15.66 8.96
O3P FAD C . -15.92 -16.44 9.65
PA FAD D . 30.50 15.35 10.06
O1A FAD D . 31.08 16.14 11.17
O2A FAD D . 29.70 16.16 9.08
O5B FAD D . 31.67 14.51 9.34
C5B FAD D . 31.75 14.43 7.89
C4B FAD D . 31.98 13.01 7.46
O4B FAD D . 33.17 12.49 8.07
C3B FAD D . 30.90 12.01 7.83
O3B FAD D . 29.76 12.09 6.98
C2B FAD D . 31.65 10.68 7.71
O2B FAD D . 31.64 10.17 6.38
C1B FAD D . 33.08 11.07 8.12
N9A FAD D . 33.49 10.60 9.45
C8A FAD D . 33.66 11.37 10.57
N7A FAD D . 33.99 10.69 11.64
C5A FAD D . 34.00 9.38 11.21
C6A FAD D . 34.22 8.15 11.88
N6A FAD D . 34.27 8.04 13.20
N1A FAD D . 34.20 7.02 11.13
C2A FAD D . 33.94 7.10 9.82
N3A FAD D . 33.68 8.20 9.10
C4A FAD D . 33.72 9.31 9.86
N1 FAD D . 22.56 10.06 8.38
C2 FAD D . 22.05 9.14 9.26
O2 FAD D . 22.77 8.63 10.14
N3 FAD D . 20.71 8.77 9.17
C4 FAD D . 19.79 9.25 8.26
O4 FAD D . 18.60 8.93 8.33
C4X FAD D . 20.34 10.21 7.31
N5 FAD D . 19.55 10.68 6.37
C5X FAD D . 20.09 11.57 5.43
C6 FAD D . 19.27 12.03 4.40
C7 FAD D . 19.77 12.92 3.44
C7M FAD D . 18.85 13.39 2.34
C8 FAD D . 21.12 13.33 3.51
C8M FAD D . 21.68 14.33 2.51
C9 FAD D . 21.95 12.84 4.51
C9A FAD D . 21.44 11.97 5.49
N10 FAD D . 22.25 11.47 6.55
C10 FAD D . 21.74 10.56 7.45
C1' FAD D . 23.62 11.98 6.80
C2' FAD D . 23.63 13.16 7.75
O2' FAD D . 23.12 14.33 7.09
C3' FAD D . 25.03 13.45 8.29
O3' FAD D . 25.93 13.71 7.21
C4' FAD D . 25.58 12.37 9.22
O4' FAD D . 24.72 12.26 10.36
C5' FAD D . 27.00 12.62 9.68
O5' FAD D . 27.11 13.99 10.13
P FAD D . 28.11 14.39 11.34
O1P FAD D . 27.85 15.80 11.69
O2P FAD D . 28.04 13.36 12.43
O3P FAD D . 29.53 14.23 10.63
#